data_4RBQ
#
_entry.id   4RBQ
#
_cell.length_a   42.890
_cell.length_b   42.890
_cell.length_c   266.936
_cell.angle_alpha   90.00
_cell.angle_beta   90.00
_cell.angle_gamma   120.00
#
_symmetry.space_group_name_H-M   'H 3 2'
#
loop_
_entity.id
_entity.type
_entity.pdbx_description
1 polymer 'U-Helix RNA from Trypanosome editing'
2 non-polymer 'POTASSIUM ION'
3 water water
#
_entity_poly.entity_id   1
_entity_poly.type   'polyribonucleotide'
_entity_poly.pdbx_seq_one_letter_code
;AGAGAAGAAAGGGAAAUUUUUUUUUUUUUUUU
;
_entity_poly.pdbx_strand_id   A
#
loop_
_chem_comp.id
_chem_comp.type
_chem_comp.name
_chem_comp.formula
A RNA linking ADENOSINE-5'-MONOPHOSPHATE 'C10 H14 N5 O7 P'
G RNA linking GUANOSINE-5'-MONOPHOSPHATE 'C10 H14 N5 O8 P'
K non-polymer 'POTASSIUM ION' 'K 1'
U RNA linking URIDINE-5'-MONOPHOSPHATE 'C9 H13 N2 O9 P'
#
# COMPACT_ATOMS: atom_id res chain seq x y z
K K B . 12.07 -17.74 -15.62
K K C . 0.90 9.71 -19.60
K K D . -12.47 12.82 25.35
K K E . -1.21 -1.19 6.54
K K F . 0.71 -3.60 3.34
#